data_5Y65
#
_entry.id   5Y65
#
_cell.length_a   79.193
_cell.length_b   82.929
_cell.length_c   99.797
_cell.angle_alpha   90.000
_cell.angle_beta   90.000
_cell.angle_gamma   90.000
#
_symmetry.space_group_name_H-M   'P 21 21 21'
#
loop_
_entity.id
_entity.type
_entity.pdbx_description
1 polymer 'Phosphoglycerate mutase 1'
2 polymer 'Phosphoglycerate mutase 1'
3 non-polymer 'CHLORIDE ION'
4 non-polymer '2-(N-MORPHOLINO)-ETHANESULFONIC ACID'
5 non-polymer ~{N}-[3,4-bis(oxidanyl)-9,10-bis(oxidanylidene)anthracen-2-yl]-4-(dimethylamino)benzenesulfonamide
6 water water
#
loop_
_entity_poly.entity_id
_entity_poly.type
_entity_poly.pdbx_seq_one_letter_code
_entity_poly.pdbx_strand_id
1 'polypeptide(L)'
;MAAYKLVLIRHGESAWNLENRFSGWYDADLSPAGHEEAKRGGQALRDAGYEFDICFTSVQKRAIRTLWTVLDAIDQMWLP
VVRTWRLNERHYGGLTGLNKAETAAKHGEAQVKIWRRSYDVPPPPMEPDHPFYSNISKDRRYADLTEDQLPSCESLKDTI
ARALPFWNEEIVPQIKEGKRVLIAAHGNSLRGIVKHLEGLSEEAIMELNLPTGIPIVYELDKNLKPIKPMQFLGDEETVR
KAMEAVAAQGKAKKLEHHHHHH
;
B
2 'polypeptide(L)'
;MAAYKLVLIR(NEP)GESAWNLENRFSGWYDADLSPAGHEEAKRGGQALRDAGYEFDICFTSVQKRAIRTLWTVLDAIDQ
MWLPVVRTWRLNERHYGGLTGLNKAETAAKHGEAQVKIWRRSYDVPPPPMEPDHPFYSNISKDRRYADLTEDQLPSCESL
KDTIARALPFWNEEIVPQIKEGKRVLIAAHGNSLRGIVKHLEGLSEEAIMELNLPTGIPIVYELDKNLKPIKPMQFLGDE
ETVRKAMEAVAAQGKAKKLEHHHHHH
;
C
#
# COMPACT_ATOMS: atom_id res chain seq x y z
N ALA A 3 -14.94 3.81 -24.13
CA ALA A 3 -13.75 4.62 -23.85
C ALA A 3 -13.10 4.32 -22.48
N TYR A 4 -11.95 3.66 -22.51
CA TYR A 4 -11.12 3.43 -21.33
C TYR A 4 -10.78 4.76 -20.67
N LYS A 5 -10.77 4.78 -19.35
CA LYS A 5 -10.38 6.00 -18.65
C LYS A 5 -9.05 5.76 -17.91
N LEU A 6 -8.05 6.63 -18.13
CA LEU A 6 -6.72 6.48 -17.49
C LEU A 6 -6.38 7.70 -16.65
N VAL A 7 -5.94 7.52 -15.40
CA VAL A 7 -5.60 8.72 -14.63
C VAL A 7 -4.14 8.76 -14.18
N LEU A 8 -3.51 9.90 -14.38
CA LEU A 8 -2.14 10.08 -13.97
C LEU A 8 -2.07 11.14 -12.89
N ILE A 9 -1.12 11.02 -11.97
CA ILE A 9 -0.89 12.11 -11.04
C ILE A 9 0.58 12.13 -10.65
N ARG A 10 1.13 13.33 -10.76
CA ARG A 10 2.50 13.65 -10.41
C ARG A 10 2.55 14.16 -8.99
N HIS A 11 3.50 13.70 -8.19
CA HIS A 11 3.53 14.13 -6.79
C HIS A 11 3.88 15.61 -6.68
N GLY A 12 3.61 16.15 -5.50
CA GLY A 12 3.86 17.54 -5.18
C GLY A 12 5.23 17.78 -4.58
N GLU A 13 5.38 18.92 -3.90
CA GLU A 13 6.67 19.36 -3.37
C GLU A 13 7.28 18.41 -2.36
N SER A 14 8.56 18.14 -2.56
CA SER A 14 9.31 17.29 -1.64
C SER A 14 10.07 18.14 -0.62
N ALA A 15 10.52 17.50 0.45
CA ALA A 15 11.20 18.20 1.55
C ALA A 15 12.48 18.90 1.13
N TRP A 16 12.78 19.98 1.84
CA TRP A 16 14.11 20.59 1.77
C TRP A 16 14.36 21.18 0.39
N ASN A 17 13.27 21.41 -0.35
CA ASN A 17 13.34 22.03 -1.66
C ASN A 17 14.02 21.11 -2.63
N LEU A 18 13.98 19.81 -2.32
CA LEU A 18 14.69 18.82 -3.13
C LEU A 18 14.25 18.77 -4.62
N GLU A 19 12.99 19.11 -4.92
CA GLU A 19 12.58 19.09 -6.34
C GLU A 19 13.33 20.17 -7.14
N ASN A 20 14.06 21.04 -6.46
CA ASN A 20 14.84 22.03 -7.18
C ASN A 20 16.32 21.74 -6.97
N ARG A 21 16.60 20.55 -6.46
CA ARG A 21 17.97 20.15 -6.15
C ARG A 21 18.25 18.77 -6.76
N PHE A 22 17.56 18.46 -7.85
CA PHE A 22 17.69 17.18 -8.54
C PHE A 22 17.51 16.00 -7.59
N SER A 23 16.30 15.77 -7.10
CA SER A 23 16.07 14.76 -6.06
C SER A 23 16.31 13.37 -6.61
N GLY A 24 15.92 13.16 -7.87
CA GLY A 24 16.17 11.90 -8.53
C GLY A 24 15.78 10.67 -7.72
N TRP A 25 16.76 9.80 -7.52
CA TRP A 25 16.57 8.57 -6.78
C TRP A 25 16.79 8.70 -5.26
N TYR A 26 17.07 9.91 -4.78
CA TYR A 26 17.10 10.09 -3.34
C TYR A 26 15.65 10.06 -2.82
N ASP A 27 15.43 9.31 -1.74
CA ASP A 27 14.08 9.00 -1.34
C ASP A 27 13.48 10.06 -0.43
N ALA A 28 13.33 11.25 -0.96
CA ALA A 28 12.79 12.37 -0.20
C ALA A 28 11.29 12.26 0.02
N ASP A 29 10.83 12.61 1.21
CA ASP A 29 9.40 12.61 1.50
C ASP A 29 8.78 13.88 0.96
N LEU A 30 7.45 13.88 0.86
CA LEU A 30 6.69 15.08 0.58
C LEU A 30 6.92 16.12 1.69
N SER A 31 7.01 17.39 1.32
CA SER A 31 6.90 18.48 2.30
C SER A 31 5.42 18.57 2.69
N PRO A 32 5.09 19.26 3.79
CA PRO A 32 3.65 19.38 4.10
C PRO A 32 2.86 19.99 2.96
N ALA A 33 3.45 20.96 2.27
CA ALA A 33 2.77 21.53 1.12
C ALA A 33 2.47 20.47 0.03
N GLY A 34 3.42 19.58 -0.25
CA GLY A 34 3.22 18.56 -1.27
C GLY A 34 2.14 17.57 -0.87
N HIS A 35 2.12 17.27 0.42
CA HIS A 35 1.10 16.43 0.98
C HIS A 35 -0.29 17.08 0.76
N GLU A 36 -0.38 18.40 1.03
CA GLU A 36 -1.64 19.11 0.83
C GLU A 36 -2.08 19.13 -0.62
N GLU A 37 -1.11 19.25 -1.54
CA GLU A 37 -1.43 19.13 -2.97
C GLU A 37 -2.08 17.75 -3.24
N ALA A 38 -1.46 16.69 -2.70
CA ALA A 38 -2.06 15.36 -2.92
C ALA A 38 -3.46 15.29 -2.35
N LYS A 39 -3.70 15.96 -1.21
CA LYS A 39 -5.05 15.98 -0.64
C LYS A 39 -6.04 16.63 -1.59
N ARG A 40 -5.65 17.77 -2.16
CA ARG A 40 -6.56 18.46 -3.07
C ARG A 40 -6.85 17.65 -4.34
N GLY A 41 -5.82 17.00 -4.90
CA GLY A 41 -6.04 16.11 -6.03
C GLY A 41 -7.00 14.97 -5.68
N GLY A 42 -6.80 14.42 -4.48
CA GLY A 42 -7.69 13.38 -3.96
C GLY A 42 -9.13 13.83 -3.88
N GLN A 43 -9.36 15.03 -3.35
CA GLN A 43 -10.71 15.58 -3.26
C GLN A 43 -11.29 15.84 -4.65
N ALA A 44 -10.46 16.26 -5.60
CA ALA A 44 -10.93 16.44 -6.96
C ALA A 44 -11.43 15.11 -7.55
N LEU A 45 -10.66 14.02 -7.37
CA LEU A 45 -11.11 12.71 -7.85
C LEU A 45 -12.38 12.24 -7.12
N ARG A 46 -12.48 12.56 -5.84
CA ARG A 46 -13.63 12.18 -5.02
C ARG A 46 -14.92 12.88 -5.41
N ASP A 47 -14.81 14.17 -5.70
CA ASP A 47 -15.96 14.96 -6.06
C ASP A 47 -16.47 14.55 -7.45
N ALA A 48 -15.59 14.01 -8.26
CA ALA A 48 -15.98 13.66 -9.62
C ALA A 48 -16.49 12.21 -9.71
N GLY A 49 -16.40 11.47 -8.60
CA GLY A 49 -16.88 10.11 -8.51
C GLY A 49 -16.05 9.06 -9.23
N TYR A 50 -14.74 9.30 -9.34
CA TYR A 50 -13.86 8.37 -10.03
C TYR A 50 -13.63 7.08 -9.21
N GLU A 51 -13.66 5.95 -9.90
CA GLU A 51 -13.39 4.63 -9.32
C GLU A 51 -12.26 3.95 -10.06
N PHE A 52 -11.31 3.37 -9.32
CA PHE A 52 -10.23 2.66 -9.98
C PHE A 52 -10.31 1.19 -9.59
N ASP A 53 -9.55 0.36 -10.29
CA ASP A 53 -9.53 -1.07 -10.04
C ASP A 53 -8.12 -1.51 -9.68
N ILE A 54 -7.12 -0.73 -10.11
CA ILE A 54 -5.73 -1.04 -9.81
C ILE A 54 -4.83 0.20 -9.84
N CYS A 55 -3.79 0.20 -9.00
CA CYS A 55 -2.91 1.38 -8.88
C CYS A 55 -1.45 1.02 -9.08
N PHE A 56 -0.74 1.88 -9.81
CA PHE A 56 0.69 1.72 -10.03
C PHE A 56 1.47 2.90 -9.47
N THR A 57 2.66 2.65 -8.93
CA THR A 57 3.46 3.74 -8.41
C THR A 57 4.95 3.37 -8.44
N SER A 58 5.82 4.29 -8.05
CA SER A 58 7.25 3.95 -8.00
C SER A 58 7.59 3.29 -6.65
N VAL A 59 8.88 3.15 -6.33
CA VAL A 59 9.26 2.66 -5.01
C VAL A 59 9.83 3.81 -4.21
N GLN A 60 9.46 5.02 -4.60
CA GLN A 60 9.95 6.20 -3.94
C GLN A 60 8.87 6.80 -3.06
N LYS A 61 9.29 7.22 -1.87
CA LYS A 61 8.39 7.64 -0.81
C LYS A 61 7.35 8.69 -1.22
N ARG A 62 7.79 9.67 -2.01
CA ARG A 62 6.92 10.81 -2.29
C ARG A 62 5.74 10.44 -3.20
N ALA A 63 6.00 9.56 -4.17
CA ALA A 63 4.94 9.07 -5.04
C ALA A 63 3.98 8.19 -4.25
N ILE A 64 4.55 7.29 -3.45
CA ILE A 64 3.76 6.33 -2.69
C ILE A 64 2.85 7.08 -1.70
N ARG A 65 3.36 8.14 -1.08
CA ARG A 65 2.52 8.87 -0.13
C ARG A 65 1.46 9.66 -0.88
N THR A 66 1.82 10.23 -2.04
CA THR A 66 0.77 10.84 -2.87
C THR A 66 -0.39 9.86 -3.15
N LEU A 67 -0.05 8.65 -3.61
CA LEU A 67 -1.08 7.63 -3.88
C LEU A 67 -1.89 7.23 -2.65
N TRP A 68 -1.21 7.07 -1.52
CA TRP A 68 -1.91 6.76 -0.27
C TRP A 68 -2.93 7.86 0.06
N THR A 69 -2.53 9.11 -0.12
CA THR A 69 -3.40 10.27 0.16
C THR A 69 -4.64 10.27 -0.76
N VAL A 70 -4.39 10.03 -2.04
CA VAL A 70 -5.50 9.94 -2.96
C VAL A 70 -6.48 8.83 -2.63
N LEU A 71 -5.93 7.64 -2.34
CA LEU A 71 -6.79 6.47 -2.09
C LEU A 71 -7.60 6.66 -0.83
N ASP A 72 -6.98 7.33 0.14
CA ASP A 72 -7.66 7.72 1.36
C ASP A 72 -8.85 8.62 1.06
N ALA A 73 -8.57 9.65 0.25
CA ALA A 73 -9.57 10.66 -0.12
C ALA A 73 -10.77 10.10 -0.87
N ILE A 74 -10.54 9.12 -1.75
CA ILE A 74 -11.62 8.58 -2.58
C ILE A 74 -12.16 7.26 -2.01
N ASP A 75 -11.80 7.00 -0.75
CA ASP A 75 -12.21 5.80 0.01
C ASP A 75 -11.96 4.50 -0.76
N GLN A 76 -10.80 4.37 -1.37
CA GLN A 76 -10.51 3.15 -2.11
C GLN A 76 -9.13 2.61 -1.72
N MET A 77 -8.89 2.60 -0.40
CA MET A 77 -7.66 2.09 0.20
C MET A 77 -7.51 0.57 0.05
N TRP A 78 -8.59 -0.10 -0.35
CA TRP A 78 -8.56 -1.56 -0.53
C TRP A 78 -8.03 -1.97 -1.90
N LEU A 79 -7.78 -1.02 -2.77
CA LEU A 79 -7.33 -1.36 -4.11
C LEU A 79 -5.97 -2.07 -4.10
N PRO A 80 -5.77 -2.98 -5.07
CA PRO A 80 -4.43 -3.54 -5.27
C PRO A 80 -3.47 -2.43 -5.76
N VAL A 81 -2.28 -2.41 -5.15
CA VAL A 81 -1.23 -1.43 -5.44
C VAL A 81 0.05 -2.14 -5.87
N VAL A 82 0.60 -1.75 -7.02
CA VAL A 82 1.84 -2.33 -7.53
C VAL A 82 2.94 -1.26 -7.63
N ARG A 83 4.09 -1.54 -7.00
CA ARG A 83 5.25 -0.64 -6.94
C ARG A 83 6.35 -1.11 -7.88
N THR A 84 6.97 -0.19 -8.62
CA THR A 84 8.04 -0.58 -9.51
C THR A 84 9.07 0.51 -9.61
N TRP A 85 10.36 0.12 -9.60
CA TRP A 85 11.45 1.06 -9.77
C TRP A 85 11.38 1.71 -11.15
N ARG A 86 10.60 1.10 -12.04
CA ARG A 86 10.55 1.57 -13.42
C ARG A 86 9.76 2.85 -13.61
N LEU A 87 8.98 3.23 -12.61
CA LEU A 87 8.26 4.50 -12.62
C LEU A 87 8.99 5.53 -11.77
N ASN A 88 10.20 5.20 -11.32
CA ASN A 88 10.99 6.14 -10.55
C ASN A 88 11.24 7.43 -11.32
N GLU A 89 11.50 8.48 -10.56
CA GLU A 89 12.11 9.68 -11.09
C GLU A 89 13.37 9.33 -11.86
N ARG A 90 13.75 10.22 -12.76
CA ARG A 90 15.05 10.16 -13.42
C ARG A 90 16.22 10.14 -12.43
N HIS A 91 17.25 9.35 -12.71
CA HIS A 91 18.39 9.21 -11.80
C HIS A 91 19.47 10.23 -12.19
N TYR A 92 19.58 11.31 -11.42
CA TYR A 92 20.43 12.41 -11.85
C TYR A 92 21.87 12.23 -11.47
N GLY A 93 22.23 11.01 -11.05
CA GLY A 93 23.61 10.68 -10.75
C GLY A 93 24.33 11.65 -9.82
N GLY A 94 25.49 12.13 -10.26
CA GLY A 94 26.29 13.03 -9.44
C GLY A 94 25.64 14.36 -9.13
N LEU A 95 24.72 14.80 -9.97
CA LEU A 95 24.03 16.09 -9.74
C LEU A 95 23.01 16.00 -8.60
N THR A 96 22.61 14.77 -8.24
CA THR A 96 21.56 14.56 -7.23
C THR A 96 21.86 15.29 -5.92
N GLY A 97 20.96 16.16 -5.50
CA GLY A 97 21.15 16.92 -4.27
C GLY A 97 21.68 18.33 -4.45
N LEU A 98 22.26 18.62 -5.61
CA LEU A 98 22.82 19.94 -5.87
C LEU A 98 21.80 20.91 -6.48
N ASN A 99 21.98 22.21 -6.21
CA ASN A 99 21.20 23.28 -6.85
C ASN A 99 21.93 23.78 -8.11
N LYS A 100 21.34 24.73 -8.83
CA LYS A 100 21.91 25.18 -10.10
C LYS A 100 23.34 25.65 -9.97
N ALA A 101 23.56 26.55 -9.03
CA ALA A 101 24.87 27.13 -8.83
C ALA A 101 25.90 26.04 -8.53
N GLU A 102 25.57 25.14 -7.60
CA GLU A 102 26.50 24.09 -7.23
C GLU A 102 26.86 23.21 -8.44
N THR A 103 25.87 22.88 -9.26
CA THR A 103 26.15 22.05 -10.45
C THR A 103 27.08 22.79 -11.42
N ALA A 104 26.71 24.05 -11.71
CA ALA A 104 27.51 24.90 -12.61
C ALA A 104 28.96 24.95 -12.14
N ALA A 105 29.14 25.17 -10.84
CA ALA A 105 30.44 25.29 -10.23
C ALA A 105 31.22 23.96 -10.26
N LYS A 106 30.50 22.85 -10.12
CA LYS A 106 31.16 21.55 -10.05
C LYS A 106 31.62 21.07 -11.41
N HIS A 107 30.83 21.37 -12.45
CA HIS A 107 31.00 20.72 -13.75
C HIS A 107 31.31 21.68 -14.88
N GLY A 108 31.18 22.97 -14.60
CA GLY A 108 31.35 23.98 -15.62
C GLY A 108 30.01 24.23 -16.25
N GLU A 109 29.83 25.40 -16.83
CA GLU A 109 28.56 25.76 -17.43
C GLU A 109 28.40 25.21 -18.84
N ALA A 110 29.49 24.71 -19.42
CA ALA A 110 29.41 24.05 -20.73
C ALA A 110 28.58 22.76 -20.61
N GLN A 111 29.03 21.89 -19.72
CA GLN A 111 28.33 20.64 -19.46
C GLN A 111 26.91 20.93 -18.99
N VAL A 112 26.74 21.94 -18.13
CA VAL A 112 25.41 22.31 -17.65
C VAL A 112 24.51 22.69 -18.82
N LYS A 113 25.03 23.53 -19.72
CA LYS A 113 24.31 23.91 -20.92
C LYS A 113 23.87 22.68 -21.71
N ILE A 114 24.79 21.74 -21.94
CA ILE A 114 24.43 20.49 -22.63
C ILE A 114 23.30 19.72 -21.94
N TRP A 115 23.42 19.53 -20.62
CA TRP A 115 22.45 18.79 -19.83
C TRP A 115 21.03 19.41 -19.79
N ARG A 116 20.94 20.73 -19.70
CA ARG A 116 19.63 21.37 -19.66
C ARG A 116 18.83 21.11 -20.95
N ARG A 117 19.52 21.11 -22.09
CA ARG A 117 18.86 21.03 -23.40
C ARG A 117 18.79 19.62 -23.99
N SER A 118 19.71 18.75 -23.60
CA SER A 118 19.84 17.47 -24.30
C SER A 118 18.83 16.43 -23.87
N TYR A 119 18.40 15.61 -24.81
CA TYR A 119 17.45 14.55 -24.55
C TYR A 119 18.16 13.26 -24.19
N ASP A 120 19.36 13.08 -24.71
CA ASP A 120 20.03 11.79 -24.62
C ASP A 120 21.46 11.87 -24.06
N VAL A 121 21.81 12.99 -23.47
CA VAL A 121 23.11 13.05 -22.82
C VAL A 121 22.91 12.89 -21.32
N PRO A 122 23.42 11.78 -20.77
CA PRO A 122 23.28 11.51 -19.34
C PRO A 122 24.16 12.42 -18.48
N PRO A 123 23.68 12.74 -17.27
CA PRO A 123 24.53 13.41 -16.28
C PRO A 123 25.66 12.47 -15.85
N PRO A 124 26.68 12.98 -15.15
CA PRO A 124 27.74 12.07 -14.71
C PRO A 124 27.28 11.24 -13.53
N PRO A 125 27.87 10.04 -13.37
CA PRO A 125 27.48 9.14 -12.28
C PRO A 125 27.93 9.63 -10.91
N MET A 126 27.37 9.05 -9.85
CA MET A 126 27.72 9.41 -8.47
C MET A 126 29.12 8.95 -8.04
N GLU A 127 29.99 9.90 -7.71
CA GLU A 127 31.35 9.59 -7.24
C GLU A 127 31.25 9.02 -5.82
N PRO A 128 32.24 8.19 -5.40
CA PRO A 128 32.14 7.62 -4.04
C PRO A 128 32.08 8.64 -2.91
N ASP A 129 32.52 9.88 -3.14
CA ASP A 129 32.46 10.87 -2.08
C ASP A 129 31.12 11.61 -2.08
N HIS A 130 30.25 11.25 -3.01
CA HIS A 130 28.95 11.87 -3.07
C HIS A 130 28.16 11.39 -1.85
N PRO A 131 27.51 12.32 -1.14
CA PRO A 131 26.77 12.00 0.10
C PRO A 131 25.64 10.98 -0.09
N PHE A 132 25.13 10.80 -1.30
CA PHE A 132 24.01 9.86 -1.51
C PHE A 132 24.49 8.52 -2.12
N TYR A 133 25.81 8.33 -2.21
CA TYR A 133 26.37 7.20 -2.94
C TYR A 133 25.90 5.83 -2.43
N SER A 134 26.16 5.55 -1.16
CA SER A 134 25.75 4.29 -0.55
C SER A 134 24.22 4.28 -0.39
N ASN A 135 23.70 5.43 0.05
CA ASN A 135 22.28 5.65 0.30
C ASN A 135 21.37 5.13 -0.80
N ILE A 136 21.74 5.43 -2.03
CA ILE A 136 20.96 5.02 -3.19
C ILE A 136 21.50 3.72 -3.77
N SER A 137 22.81 3.65 -4.02
CA SER A 137 23.33 2.51 -4.80
C SER A 137 23.29 1.18 -4.04
N LYS A 138 23.22 1.23 -2.70
CA LYS A 138 23.16 0.00 -1.91
C LYS A 138 21.86 -0.18 -1.10
N ASP A 139 20.83 0.58 -1.44
CA ASP A 139 19.52 0.40 -0.84
C ASP A 139 18.94 -0.96 -1.26
N ARG A 140 18.48 -1.76 -0.29
CA ARG A 140 18.03 -3.11 -0.62
C ARG A 140 16.84 -3.15 -1.57
N ARG A 141 16.12 -2.04 -1.72
CA ARG A 141 14.96 -2.06 -2.62
C ARG A 141 15.40 -2.27 -4.06
N TYR A 142 16.68 -2.02 -4.36
CA TYR A 142 17.17 -2.24 -5.71
C TYR A 142 18.04 -3.51 -5.83
N ALA A 143 18.08 -4.32 -4.77
CA ALA A 143 18.94 -5.50 -4.72
C ALA A 143 18.73 -6.50 -5.87
N ASP A 144 17.50 -6.60 -6.35
CA ASP A 144 17.20 -7.57 -7.39
C ASP A 144 17.50 -7.03 -8.77
N LEU A 145 18.15 -5.88 -8.84
CA LEU A 145 18.53 -5.35 -10.14
C LEU A 145 19.89 -5.89 -10.56
N THR A 146 19.97 -6.25 -11.83
CA THR A 146 21.20 -6.72 -12.41
C THR A 146 22.20 -5.55 -12.46
N GLU A 147 23.47 -5.84 -12.70
CA GLU A 147 24.49 -4.79 -12.77
CA GLU A 147 24.46 -4.76 -12.74
C GLU A 147 24.17 -3.79 -13.88
N ASP A 148 23.65 -4.31 -15.00
CA ASP A 148 23.31 -3.51 -16.17
C ASP A 148 22.00 -2.74 -16.01
N GLN A 149 21.09 -3.26 -15.19
CA GLN A 149 19.80 -2.60 -14.93
C GLN A 149 19.90 -1.46 -13.94
N LEU A 150 20.86 -1.52 -13.02
CA LEU A 150 20.94 -0.53 -11.95
C LEU A 150 21.62 0.74 -12.40
N PRO A 151 20.82 1.79 -12.63
CA PRO A 151 21.33 3.02 -13.24
C PRO A 151 22.29 3.71 -12.29
N SER A 152 23.33 4.29 -12.85
CA SER A 152 24.18 5.19 -12.10
C SER A 152 23.84 6.62 -12.49
N CYS A 153 23.11 6.77 -13.58
CA CYS A 153 22.78 8.10 -14.12
C CYS A 153 21.91 7.91 -15.33
N GLU A 154 20.99 8.85 -15.58
CA GLU A 154 20.05 8.69 -16.67
C GLU A 154 19.83 9.97 -17.46
N SER A 155 19.83 9.86 -18.79
CA SER A 155 19.25 10.90 -19.63
C SER A 155 17.74 10.69 -19.58
N LEU A 156 16.97 11.66 -20.09
CA LEU A 156 15.52 11.49 -20.14
C LEU A 156 15.18 10.28 -21.01
N LYS A 157 15.97 10.10 -22.07
CA LYS A 157 15.80 8.94 -22.94
C LYS A 157 15.95 7.64 -22.17
N ASP A 158 16.95 7.55 -21.29
CA ASP A 158 17.15 6.36 -20.45
C ASP A 158 15.95 6.02 -19.58
N THR A 159 15.52 7.03 -18.83
CA THR A 159 14.38 6.90 -17.92
C THR A 159 13.17 6.40 -18.68
N ILE A 160 12.86 7.08 -19.79
CA ILE A 160 11.73 6.66 -20.61
C ILE A 160 11.92 5.23 -21.13
N ALA A 161 13.15 4.89 -21.50
CA ALA A 161 13.45 3.59 -22.04
C ALA A 161 13.23 2.47 -21.03
N ARG A 162 13.46 2.73 -19.75
CA ARG A 162 13.24 1.67 -18.77
C ARG A 162 11.82 1.74 -18.17
N ALA A 163 11.10 2.83 -18.44
CA ALA A 163 9.71 2.93 -17.98
C ALA A 163 8.74 2.28 -18.97
N LEU A 164 8.99 2.45 -20.26
CA LEU A 164 8.05 1.93 -21.26
C LEU A 164 7.84 0.41 -21.24
N PRO A 165 8.88 -0.38 -20.92
CA PRO A 165 8.59 -1.82 -20.85
C PRO A 165 7.63 -2.18 -19.74
N PHE A 166 7.61 -1.41 -18.65
CA PHE A 166 6.69 -1.71 -17.57
C PHE A 166 5.28 -1.34 -18.01
N TRP A 167 5.16 -0.23 -18.70
CA TRP A 167 3.87 0.17 -19.25
C TRP A 167 3.31 -0.90 -20.21
N ASN A 168 4.16 -1.41 -21.10
CA ASN A 168 3.70 -2.39 -22.08
C ASN A 168 3.35 -3.74 -21.49
N GLU A 169 4.13 -4.19 -20.52
CA GLU A 169 4.00 -5.55 -20.04
C GLU A 169 3.04 -5.67 -18.86
N GLU A 170 2.85 -4.59 -18.12
CA GLU A 170 2.09 -4.70 -16.87
C GLU A 170 0.84 -3.85 -16.81
N ILE A 171 0.87 -2.69 -17.46
CA ILE A 171 -0.23 -1.76 -17.35
C ILE A 171 -1.19 -1.89 -18.54
N VAL A 172 -0.62 -2.00 -19.74
CA VAL A 172 -1.44 -2.19 -20.94
C VAL A 172 -2.39 -3.40 -20.82
N PRO A 173 -1.90 -4.56 -20.34
CA PRO A 173 -2.86 -5.65 -20.14
C PRO A 173 -4.03 -5.32 -19.19
N GLN A 174 -3.80 -4.55 -18.14
CA GLN A 174 -4.89 -4.22 -17.24
C GLN A 174 -5.91 -3.35 -17.98
N ILE A 175 -5.39 -2.43 -18.80
CA ILE A 175 -6.26 -1.52 -19.50
C ILE A 175 -7.10 -2.27 -20.56
N LYS A 176 -6.49 -3.20 -21.29
CA LYS A 176 -7.25 -3.94 -22.31
C LYS A 176 -8.33 -4.83 -21.68
N GLU A 177 -8.08 -5.29 -20.46
CA GLU A 177 -9.06 -6.06 -19.68
C GLU A 177 -10.14 -5.17 -19.06
N GLY A 178 -10.03 -3.87 -19.23
CA GLY A 178 -11.07 -3.01 -18.70
C GLY A 178 -10.86 -2.52 -17.28
N LYS A 179 -9.69 -2.79 -16.70
CA LYS A 179 -9.40 -2.31 -15.35
C LYS A 179 -9.04 -0.82 -15.41
N ARG A 180 -9.69 -0.03 -14.56
CA ARG A 180 -9.47 1.40 -14.52
C ARG A 180 -8.20 1.73 -13.72
N VAL A 181 -7.21 2.24 -14.43
CA VAL A 181 -5.88 2.39 -13.86
C VAL A 181 -5.59 3.80 -13.31
N LEU A 182 -5.03 3.80 -12.11
CA LEU A 182 -4.49 5.03 -11.54
C LEU A 182 -2.96 4.92 -11.42
N ILE A 183 -2.24 5.91 -11.95
CA ILE A 183 -0.78 5.91 -11.85
C ILE A 183 -0.31 7.10 -11.06
N ALA A 184 0.40 6.82 -9.98
CA ALA A 184 0.99 7.86 -9.15
C ALA A 184 2.52 7.85 -9.28
N ALA A 185 3.08 8.86 -9.93
CA ALA A 185 4.49 8.74 -10.26
C ALA A 185 5.23 10.07 -10.32
N HIS A 186 6.25 10.13 -11.15
CA HIS A 186 7.12 11.30 -11.21
C HIS A 186 7.06 11.97 -12.56
N GLY A 187 7.44 13.25 -12.57
CA GLY A 187 7.39 14.08 -13.76
C GLY A 187 8.03 13.44 -14.98
N ASN A 188 9.22 12.88 -14.82
CA ASN A 188 9.92 12.35 -16.00
C ASN A 188 9.41 10.98 -16.46
N SER A 189 8.99 10.15 -15.52
CA SER A 189 8.44 8.84 -15.91
C SER A 189 7.03 9.02 -16.53
N LEU A 190 6.27 9.97 -15.96
CA LEU A 190 4.98 10.28 -16.54
C LEU A 190 5.20 10.89 -17.93
N ARG A 191 6.29 11.66 -18.09
CA ARG A 191 6.66 12.15 -19.42
C ARG A 191 6.85 10.97 -20.37
N GLY A 192 7.50 9.91 -19.90
CA GLY A 192 7.59 8.73 -20.74
C GLY A 192 6.23 8.23 -21.23
N ILE A 193 5.30 8.10 -20.28
CA ILE A 193 3.99 7.56 -20.67
C ILE A 193 3.21 8.51 -21.62
N VAL A 194 3.21 9.80 -21.33
CA VAL A 194 2.58 10.79 -22.21
C VAL A 194 3.21 10.77 -23.63
N LYS A 195 4.54 10.70 -23.69
CA LYS A 195 5.24 10.69 -24.95
C LYS A 195 4.85 9.47 -25.77
N HIS A 196 4.67 8.32 -25.10
CA HIS A 196 4.23 7.12 -25.83
C HIS A 196 2.76 7.23 -26.30
N LEU A 197 1.89 7.77 -25.45
CA LEU A 197 0.47 7.89 -25.77
C LEU A 197 0.16 8.87 -26.89
N GLU A 198 0.83 10.01 -26.89
CA GLU A 198 0.53 11.05 -27.86
C GLU A 198 1.48 11.04 -29.07
N GLY A 199 2.40 10.08 -29.13
CA GLY A 199 3.37 10.05 -30.21
C GLY A 199 4.12 11.38 -30.36
N LEU A 200 4.59 11.94 -29.24
CA LEU A 200 5.32 13.20 -29.26
C LEU A 200 6.80 13.03 -29.63
N SER A 201 7.42 14.14 -30.03
CA SER A 201 8.82 14.16 -30.38
C SER A 201 9.69 14.46 -29.15
N GLU A 202 10.98 14.17 -29.24
CA GLU A 202 11.92 14.46 -28.16
C GLU A 202 11.82 15.92 -27.74
N GLU A 203 11.80 16.76 -28.76
CA GLU A 203 11.75 18.20 -28.60
C GLU A 203 10.42 18.59 -27.93
N ALA A 204 9.32 18.00 -28.35
CA ALA A 204 8.04 18.33 -27.73
C ALA A 204 7.96 17.84 -26.28
N ILE A 205 8.50 16.64 -25.99
CA ILE A 205 8.38 16.07 -24.66
C ILE A 205 9.28 16.76 -23.64
N MET A 206 10.40 17.33 -24.10
CA MET A 206 11.26 18.01 -23.14
C MET A 206 10.71 19.36 -22.69
N GLU A 207 9.79 19.95 -23.48
CA GLU A 207 9.18 21.21 -23.06
C GLU A 207 7.79 21.02 -22.42
N LEU A 208 7.31 19.78 -22.38
CA LEU A 208 6.09 19.47 -21.68
C LEU A 208 6.33 19.33 -20.18
N ASN A 209 5.76 20.23 -19.39
CA ASN A 209 5.83 20.07 -17.94
C ASN A 209 4.46 19.77 -17.35
N LEU A 210 4.34 18.64 -16.67
CA LEU A 210 3.06 18.21 -16.13
C LEU A 210 2.82 18.84 -14.78
N PRO A 211 1.61 19.35 -14.57
CA PRO A 211 1.31 19.95 -13.27
C PRO A 211 1.31 18.92 -12.12
N THR A 212 1.70 19.39 -10.94
CA THR A 212 1.81 18.55 -9.74
C THR A 212 0.51 18.47 -8.94
N GLY A 213 0.24 17.32 -8.35
CA GLY A 213 -0.86 17.16 -7.42
C GLY A 213 -2.24 17.36 -8.03
N ILE A 214 -2.32 17.22 -9.34
CA ILE A 214 -3.59 17.36 -10.04
C ILE A 214 -3.81 16.20 -11.00
N PRO A 215 -4.98 15.56 -10.91
CA PRO A 215 -5.29 14.39 -11.74
C PRO A 215 -5.28 14.76 -13.21
N ILE A 216 -4.66 13.91 -14.01
CA ILE A 216 -4.53 14.09 -15.43
C ILE A 216 -5.32 12.95 -16.08
N VAL A 217 -6.36 13.30 -16.82
CA VAL A 217 -7.30 12.30 -17.31
C VAL A 217 -7.14 12.09 -18.80
N TYR A 218 -6.97 10.83 -19.18
CA TYR A 218 -6.97 10.45 -20.57
C TYR A 218 -8.19 9.59 -20.91
N GLU A 219 -8.75 9.82 -22.09
CA GLU A 219 -9.76 8.93 -22.63
C GLU A 219 -9.13 8.19 -23.79
N LEU A 220 -9.06 6.86 -23.69
CA LEU A 220 -8.35 6.10 -24.70
C LEU A 220 -9.35 5.29 -25.49
N ASP A 221 -8.98 4.94 -26.72
CA ASP A 221 -9.82 4.10 -27.55
C ASP A 221 -9.33 2.67 -27.44
N LYS A 222 -9.95 1.77 -28.19
CA LYS A 222 -9.65 0.34 -28.10
C LYS A 222 -8.20 0.03 -28.46
N ASN A 223 -7.53 0.95 -29.12
CA ASN A 223 -6.13 0.76 -29.46
C ASN A 223 -5.24 1.55 -28.50
N LEU A 224 -5.86 2.04 -27.43
CA LEU A 224 -5.20 2.79 -26.36
C LEU A 224 -4.58 4.10 -26.88
N LYS A 225 -5.19 4.71 -27.90
CA LYS A 225 -4.80 6.05 -28.30
C LYS A 225 -5.76 7.06 -27.67
N PRO A 226 -5.22 8.19 -27.19
CA PRO A 226 -6.08 9.21 -26.59
C PRO A 226 -7.13 9.71 -27.59
N ILE A 227 -8.36 9.87 -27.14
CA ILE A 227 -9.40 10.39 -28.00
C ILE A 227 -9.38 11.92 -28.00
N LYS A 228 -8.90 12.47 -26.89
CA LYS A 228 -8.83 13.92 -26.75
C LYS A 228 -7.60 14.31 -25.92
N PRO A 229 -7.25 15.60 -25.91
CA PRO A 229 -6.07 15.99 -25.12
C PRO A 229 -6.23 15.67 -23.65
N MET A 230 -5.11 15.64 -22.95
CA MET A 230 -5.13 15.40 -21.52
C MET A 230 -5.98 16.47 -20.84
N GLN A 231 -6.84 16.03 -19.93
CA GLN A 231 -7.68 16.95 -19.15
C GLN A 231 -7.24 16.95 -17.67
N PHE A 232 -7.12 18.16 -17.13
CA PHE A 232 -6.86 18.35 -15.71
C PHE A 232 -8.17 18.32 -14.94
N LEU A 233 -8.15 17.78 -13.72
CA LEU A 233 -9.34 17.70 -12.88
C LEU A 233 -9.18 18.71 -11.77
N GLY A 234 -10.21 19.51 -11.50
CA GLY A 234 -10.10 20.46 -10.41
C GLY A 234 -10.88 21.76 -10.48
N ASP A 235 -10.32 22.76 -9.79
CA ASP A 235 -10.84 24.10 -9.63
C ASP A 235 -11.06 24.83 -10.96
N ALA B 3 16.25 -19.48 11.91
CA ALA B 3 14.87 -19.30 12.38
C ALA B 3 14.14 -18.21 11.58
N TYR B 4 13.14 -18.61 10.79
CA TYR B 4 12.28 -17.65 10.09
C TYR B 4 11.65 -16.67 11.10
N LYS B 5 11.56 -15.41 10.71
CA LYS B 5 10.91 -14.45 11.59
C LYS B 5 9.60 -13.99 10.95
N LEU B 6 8.52 -14.13 11.71
CA LEU B 6 7.21 -13.76 11.23
C LEU B 6 6.61 -12.73 12.18
N VAL B 7 6.10 -11.62 11.65
CA VAL B 7 5.46 -10.65 12.52
C VAL B 7 3.98 -10.48 12.13
N LEU B 8 3.12 -10.52 13.14
CA LEU B 8 1.68 -10.37 13.01
C LEU B 8 1.25 -9.13 13.78
N ILE B 9 0.21 -8.45 13.32
CA ILE B 9 -0.31 -7.35 14.08
C ILE B 9 -1.78 -7.14 13.81
N ARG B 10 -2.51 -6.94 14.89
CA ARG B 10 -3.93 -6.64 14.81
C ARG B 10 -4.08 -5.14 14.68
N GLY B 12 -5.03 -1.28 14.87
CA GLY B 12 -5.24 -0.49 16.08
C GLY B 12 -6.72 -0.26 16.32
N GLU B 13 -7.06 0.46 17.39
CA GLU B 13 -8.45 0.62 17.80
C GLU B 13 -9.33 1.32 16.75
N SER B 14 -10.49 0.74 16.46
CA SER B 14 -11.38 1.32 15.46
C SER B 14 -12.38 2.28 16.07
N ALA B 15 -12.98 3.09 15.23
CA ALA B 15 -13.96 4.06 15.69
C ALA B 15 -15.17 3.36 16.33
N TRP B 16 -15.51 2.17 15.85
CA TRP B 16 -16.54 1.38 16.51
C TRP B 16 -16.10 0.56 17.71
N ASN B 17 -14.79 0.38 17.89
CA ASN B 17 -14.30 -0.32 19.08
C ASN B 17 -14.67 0.55 20.27
N LEU B 18 -14.61 1.87 20.07
CA LEU B 18 -14.97 2.83 21.09
C LEU B 18 -16.43 2.66 21.48
N GLU B 19 -17.29 2.56 20.46
CA GLU B 19 -18.73 2.39 20.63
C GLU B 19 -19.18 0.97 21.07
N ASN B 20 -18.27 0.00 21.17
CA ASN B 20 -18.67 -1.38 21.48
C ASN B 20 -19.61 -1.88 20.40
N ARG B 21 -19.35 -1.48 19.16
CA ARG B 21 -20.29 -1.74 18.08
C ARG B 21 -19.67 -2.72 17.10
N PHE B 22 -20.36 -3.85 16.87
CA PHE B 22 -19.90 -4.91 15.96
C PHE B 22 -19.62 -4.49 14.50
N SER B 23 -18.35 -4.41 14.10
CA SER B 23 -18.07 -4.04 12.72
C SER B 23 -18.12 -5.19 11.71
N GLY B 24 -17.44 -6.29 12.04
CA GLY B 24 -17.32 -7.41 11.11
C GLY B 24 -16.80 -6.89 9.77
N TRP B 25 -17.54 -7.13 8.70
CA TRP B 25 -17.07 -6.70 7.39
C TRP B 25 -17.37 -5.23 7.09
N TYR B 26 -17.98 -4.52 8.05
CA TYR B 26 -18.14 -3.08 7.90
C TYR B 26 -16.78 -2.38 8.02
N ASP B 27 -16.53 -1.47 7.08
CA ASP B 27 -15.21 -0.90 6.89
C ASP B 27 -14.94 0.32 7.78
N ALA B 28 -14.95 0.08 9.09
CA ALA B 28 -14.72 1.11 10.10
C ALA B 28 -13.24 1.55 10.15
N ASP B 29 -13.01 2.86 10.26
CA ASP B 29 -11.66 3.40 10.28
C ASP B 29 -11.04 3.35 11.67
N LEU B 30 -9.73 3.56 11.76
CA LEU B 30 -9.06 3.70 13.05
C LEU B 30 -9.59 4.92 13.83
N SER B 31 -9.67 4.79 15.14
CA SER B 31 -9.80 5.96 16.01
C SER B 31 -8.45 6.67 16.10
N PRO B 32 -8.43 7.94 16.55
CA PRO B 32 -7.12 8.58 16.73
C PRO B 32 -6.20 7.82 17.68
N ALA B 33 -6.78 7.28 18.75
CA ALA B 33 -6.03 6.45 19.67
C ALA B 33 -5.48 5.22 18.93
N GLY B 34 -6.30 4.61 18.07
CA GLY B 34 -5.89 3.41 17.35
C GLY B 34 -4.77 3.72 16.39
N HIS B 35 -4.87 4.90 15.80
CA HIS B 35 -3.84 5.37 14.92
C HIS B 35 -2.51 5.47 15.71
N GLU B 36 -2.56 6.05 16.91
CA GLU B 36 -1.36 6.14 17.76
C GLU B 36 -0.85 4.77 18.21
N GLU B 37 -1.76 3.83 18.44
CA GLU B 37 -1.35 2.46 18.76
C GLU B 37 -0.49 1.91 17.62
N ALA B 38 -0.98 2.01 16.39
CA ALA B 38 -0.19 1.53 15.27
C ALA B 38 1.13 2.31 15.11
N LYS B 39 1.10 3.61 15.41
CA LYS B 39 2.31 4.43 15.32
C LYS B 39 3.39 3.91 16.30
N ARG B 40 2.97 3.66 17.54
CA ARG B 40 3.87 3.13 18.57
C ARG B 40 4.35 1.70 18.27
N GLY B 41 3.48 0.86 17.73
CA GLY B 41 3.89 -0.46 17.31
C GLY B 41 4.99 -0.34 16.26
N GLY B 42 4.76 0.55 15.30
CA GLY B 42 5.74 0.83 14.27
C GLY B 42 7.06 1.26 14.86
N GLN B 43 7.03 2.14 15.85
CA GLN B 43 8.28 2.59 16.48
C GLN B 43 8.98 1.44 17.21
N ALA B 44 8.21 0.53 17.80
CA ALA B 44 8.82 -0.65 18.40
C ALA B 44 9.52 -1.48 17.33
N LEU B 45 8.84 -1.70 16.20
CA LEU B 45 9.48 -2.44 15.11
C LEU B 45 10.73 -1.72 14.59
N ARG B 46 10.73 -0.39 14.54
CA ARG B 46 11.89 0.34 14.05
C ARG B 46 13.07 0.29 15.03
N ASP B 47 12.79 0.40 16.34
CA ASP B 47 13.86 0.38 17.33
C ASP B 47 14.55 -0.97 17.40
N ALA B 48 13.84 -2.00 16.99
CA ALA B 48 14.35 -3.36 17.04
C ALA B 48 15.07 -3.68 15.71
N GLY B 49 15.04 -2.74 14.77
CA GLY B 49 15.74 -2.91 13.50
C GLY B 49 15.10 -3.94 12.54
N TYR B 50 13.78 -4.07 12.60
CA TYR B 50 13.08 -5.02 11.74
C TYR B 50 12.99 -4.62 10.23
N GLU B 51 13.26 -5.60 9.38
CA GLU B 51 13.18 -5.46 7.94
C GLU B 51 12.26 -6.50 7.37
N PHE B 52 11.37 -6.08 6.49
CA PHE B 52 10.45 -6.99 5.85
C PHE B 52 10.66 -7.01 4.34
N ASP B 53 10.05 -7.99 3.67
CA ASP B 53 10.18 -8.11 2.22
C ASP B 53 8.84 -8.12 1.53
N ILE B 54 7.80 -8.45 2.28
CA ILE B 54 6.47 -8.46 1.71
C ILE B 54 5.45 -8.27 2.82
N CYS B 55 4.32 -7.64 2.51
CA CYS B 55 3.27 -7.39 3.50
C CYS B 55 1.92 -7.93 3.02
N PHE B 56 1.21 -8.58 3.93
CA PHE B 56 -0.13 -9.09 3.64
C PHE B 56 -1.16 -8.40 4.54
N THR B 57 -2.33 -8.09 3.98
CA THR B 57 -3.35 -7.43 4.79
C THR B 57 -4.75 -7.71 4.26
N SER B 58 -5.79 -7.27 4.99
CA SER B 58 -7.14 -7.53 4.52
C SER B 58 -7.57 -6.46 3.50
N VAL B 59 -8.85 -6.39 3.16
CA VAL B 59 -9.29 -5.28 2.33
C VAL B 59 -10.05 -4.28 3.19
N GLN B 60 -9.79 -4.29 4.50
CA GLN B 60 -10.49 -3.37 5.38
C GLN B 60 -9.54 -2.28 5.85
N LYS B 61 -9.97 -1.02 5.77
CA LYS B 61 -9.11 0.14 6.04
C LYS B 61 -8.45 0.15 7.43
N ARG B 62 -9.06 -0.41 8.48
CA ARG B 62 -8.40 -0.33 9.78
C ARG B 62 -7.10 -1.16 9.77
N ALA B 63 -7.14 -2.29 9.08
CA ALA B 63 -5.97 -3.12 8.92
C ALA B 63 -4.95 -2.41 8.00
N ILE B 64 -5.45 -1.93 6.86
CA ILE B 64 -4.61 -1.31 5.84
C ILE B 64 -3.90 -0.06 6.38
N ARG B 65 -4.62 0.74 7.18
CA ARG B 65 -4.06 1.96 7.74
C ARG B 65 -3.06 1.62 8.86
N THR B 66 -3.37 0.60 9.66
CA THR B 66 -2.36 0.08 10.59
C THR B 66 -1.04 -0.29 9.85
N LEU B 67 -1.15 -1.02 8.73
CA LEU B 67 0.03 -1.38 7.93
C LEU B 67 0.76 -0.17 7.38
N TRP B 68 0.01 0.83 6.90
CA TRP B 68 0.60 2.04 6.37
C TRP B 68 1.39 2.80 7.41
N THR B 69 0.81 2.93 8.59
CA THR B 69 1.45 3.68 9.66
C THR B 69 2.73 2.95 10.08
N VAL B 70 2.67 1.62 10.19
CA VAL B 70 3.87 0.86 10.49
C VAL B 70 4.93 1.04 9.40
N LEU B 71 4.54 0.96 8.13
CA LEU B 71 5.54 1.09 7.06
C LEU B 71 6.19 2.47 7.07
N ASP B 72 5.39 3.48 7.40
CA ASP B 72 5.89 4.83 7.56
C ASP B 72 6.95 4.88 8.68
N ALA B 73 6.60 4.33 9.84
CA ALA B 73 7.49 4.32 10.99
C ALA B 73 8.80 3.59 10.69
N ILE B 74 8.72 2.46 10.00
CA ILE B 74 9.95 1.69 9.80
C ILE B 74 10.62 2.01 8.47
N ASP B 75 10.16 3.11 7.84
CA ASP B 75 10.71 3.58 6.57
C ASP B 75 10.76 2.48 5.50
N GLN B 76 9.68 1.73 5.36
CA GLN B 76 9.63 0.68 4.35
C GLN B 76 8.33 0.77 3.54
N MET B 77 7.99 1.98 3.13
CA MET B 77 6.78 2.21 2.35
C MET B 77 6.87 1.64 0.94
N TRP B 78 8.09 1.29 0.52
CA TRP B 78 8.34 0.75 -0.82
C TRP B 78 8.07 -0.76 -0.97
N LEU B 79 7.76 -1.44 0.14
CA LEU B 79 7.49 -2.89 0.15
C LEU B 79 6.23 -3.29 -0.64
N PRO B 80 6.25 -4.49 -1.23
CA PRO B 80 5.05 -5.04 -1.85
C PRO B 80 3.99 -5.30 -0.81
N VAL B 81 2.75 -4.93 -1.11
CA VAL B 81 1.61 -5.15 -0.21
C VAL B 81 0.54 -5.96 -0.91
N VAL B 82 0.10 -7.05 -0.30
CA VAL B 82 -0.94 -7.87 -0.89
C VAL B 82 -2.19 -7.84 -0.01
N ARG B 83 -3.32 -7.48 -0.64
CA ARG B 83 -4.59 -7.37 0.06
C ARG B 83 -5.49 -8.52 -0.34
N THR B 84 -6.18 -9.10 0.63
CA THR B 84 -7.10 -10.19 0.35
C THR B 84 -8.27 -10.15 1.33
N TRP B 85 -9.48 -10.37 0.81
CA TRP B 85 -10.66 -10.45 1.66
C TRP B 85 -10.55 -11.61 2.65
N ARG B 86 -9.61 -12.52 2.39
CA ARG B 86 -9.51 -13.71 3.20
C ARG B 86 -8.88 -13.42 4.57
N LEU B 87 -8.30 -12.24 4.71
CA LEU B 87 -7.79 -11.85 6.02
C LEU B 87 -8.77 -10.94 6.74
N ASN B 88 -9.97 -10.76 6.18
CA ASN B 88 -11.01 -9.92 6.80
C ASN B 88 -11.37 -10.37 8.19
N GLU B 89 -11.87 -9.43 8.99
CA GLU B 89 -12.55 -9.75 10.23
C GLU B 89 -13.61 -10.84 10.01
N ARG B 90 -13.91 -11.58 11.06
CA ARG B 90 -15.04 -12.48 10.96
C ARG B 90 -16.33 -11.67 10.64
N HIS B 91 -17.20 -12.26 9.83
CA HIS B 91 -18.43 -11.61 9.37
C HIS B 91 -19.54 -11.90 10.35
N TYR B 92 -19.96 -10.88 11.11
CA TYR B 92 -20.92 -11.04 12.21
C TYR B 92 -22.40 -11.02 11.81
N GLY B 93 -22.70 -11.13 10.50
CA GLY B 93 -24.07 -11.24 10.04
C GLY B 93 -25.03 -10.18 10.57
N GLY B 94 -26.16 -10.60 11.15
CA GLY B 94 -27.16 -9.66 11.63
C GLY B 94 -26.73 -8.75 12.76
N LEU B 95 -25.75 -9.15 13.55
CA LEU B 95 -25.25 -8.34 14.67
C LEU B 95 -24.46 -7.11 14.20
N THR B 96 -24.03 -7.15 12.93
CA THR B 96 -23.27 -6.05 12.31
C THR B 96 -23.99 -4.74 12.48
N GLY B 97 -23.30 -3.76 13.07
CA GLY B 97 -23.91 -2.45 13.27
C GLY B 97 -24.51 -2.29 14.66
N LEU B 98 -24.74 -3.40 15.37
CA LEU B 98 -25.31 -3.31 16.71
C LEU B 98 -24.25 -3.23 17.80
N ASN B 99 -24.60 -2.61 18.92
CA ASN B 99 -23.72 -2.66 20.07
C ASN B 99 -24.08 -3.75 21.09
N LYS B 100 -23.29 -3.81 22.14
CA LYS B 100 -23.38 -4.78 23.22
C LYS B 100 -24.81 -4.79 23.80
N ALA B 101 -25.28 -3.59 24.14
CA ALA B 101 -26.61 -3.44 24.71
C ALA B 101 -27.71 -3.89 23.74
N GLU B 102 -27.64 -3.43 22.50
CA GLU B 102 -28.67 -3.77 21.52
C GLU B 102 -28.72 -5.27 21.31
N THR B 103 -27.54 -5.87 21.22
CA THR B 103 -27.40 -7.30 21.01
C THR B 103 -28.04 -8.08 22.15
N ALA B 104 -27.68 -7.70 23.37
CA ALA B 104 -28.25 -8.31 24.56
C ALA B 104 -29.78 -8.16 24.62
N ALA B 105 -30.27 -6.98 24.30
CA ALA B 105 -31.70 -6.71 24.39
C ALA B 105 -32.45 -7.55 23.37
N LYS B 106 -31.87 -7.70 22.18
CA LYS B 106 -32.55 -8.45 21.13
C LYS B 106 -32.50 -9.98 21.33
N HIS B 107 -31.41 -10.51 21.88
CA HIS B 107 -31.26 -11.96 21.86
C HIS B 107 -31.21 -12.62 23.24
N GLY B 108 -31.00 -11.83 24.30
CA GLY B 108 -30.83 -12.38 25.63
C GLY B 108 -29.37 -12.67 25.97
N GLU B 109 -29.03 -12.74 27.25
CA GLU B 109 -27.63 -12.96 27.62
C GLU B 109 -27.20 -14.41 27.44
N ALA B 110 -28.18 -15.30 27.40
CA ALA B 110 -27.91 -16.70 27.15
C ALA B 110 -27.36 -16.89 25.73
N GLN B 111 -28.11 -16.41 24.74
CA GLN B 111 -27.71 -16.55 23.35
C GLN B 111 -26.37 -15.87 23.08
N VAL B 112 -26.19 -14.65 23.61
CA VAL B 112 -24.91 -13.97 23.44
C VAL B 112 -23.77 -14.80 24.05
N LYS B 113 -24.00 -15.31 25.25
CA LYS B 113 -23.03 -16.19 25.90
C LYS B 113 -22.65 -17.37 24.98
N ILE B 114 -23.65 -18.06 24.44
CA ILE B 114 -23.40 -19.17 23.54
C ILE B 114 -22.53 -18.76 22.35
N TRP B 115 -22.89 -17.66 21.68
CA TRP B 115 -22.10 -17.19 20.53
C TRP B 115 -20.66 -16.89 20.93
N ARG B 116 -20.51 -16.31 22.12
CA ARG B 116 -19.22 -15.95 22.67
C ARG B 116 -18.36 -17.18 22.88
N ARG B 117 -18.98 -18.29 23.29
CA ARG B 117 -18.23 -19.49 23.64
C ARG B 117 -18.07 -20.49 22.49
N SER B 118 -18.99 -20.47 21.53
CA SER B 118 -19.01 -21.52 20.52
C SER B 118 -18.00 -21.28 19.41
N TYR B 119 -17.45 -22.38 18.90
CA TYR B 119 -16.46 -22.32 17.84
C TYR B 119 -17.11 -22.43 16.49
N ASP B 120 -18.27 -23.09 16.45
CA ASP B 120 -18.89 -23.38 15.16
C ASP B 120 -20.34 -22.95 15.08
N VAL B 121 -20.80 -22.11 16.01
CA VAL B 121 -22.15 -21.55 15.84
C VAL B 121 -22.14 -20.09 15.35
N PRO B 122 -22.65 -19.86 14.13
CA PRO B 122 -22.71 -18.53 13.52
C PRO B 122 -23.79 -17.61 14.13
N PRO B 123 -23.53 -16.30 14.13
CA PRO B 123 -24.55 -15.30 14.42
C PRO B 123 -25.67 -15.40 13.37
N PRO B 124 -26.78 -14.67 13.57
CA PRO B 124 -27.82 -14.78 12.52
C PRO B 124 -27.34 -14.13 11.23
N PRO B 125 -27.89 -14.55 10.08
CA PRO B 125 -27.34 -14.00 8.84
C PRO B 125 -27.73 -12.53 8.59
N MET B 126 -26.94 -11.83 7.79
CA MET B 126 -27.30 -10.49 7.40
C MET B 126 -28.26 -10.55 6.22
N GLU B 127 -29.53 -10.25 6.49
CA GLU B 127 -30.64 -10.25 5.55
C GLU B 127 -30.62 -9.03 4.62
N PRO B 128 -31.29 -9.10 3.45
CA PRO B 128 -31.34 -7.93 2.54
C PRO B 128 -31.99 -6.66 3.13
N ASP B 129 -32.81 -6.80 4.18
CA ASP B 129 -33.41 -5.63 4.82
C ASP B 129 -32.54 -5.10 5.97
N HIS B 130 -31.40 -5.73 6.19
CA HIS B 130 -30.45 -5.28 7.21
C HIS B 130 -29.83 -3.98 6.75
N PRO B 131 -29.71 -3.01 7.68
CA PRO B 131 -29.21 -1.69 7.29
C PRO B 131 -27.83 -1.71 6.60
N PHE B 132 -27.00 -2.72 6.84
CA PHE B 132 -25.69 -2.72 6.22
C PHE B 132 -25.56 -3.71 5.07
N TYR B 133 -26.68 -4.30 4.68
CA TYR B 133 -26.66 -5.32 3.64
C TYR B 133 -26.02 -4.79 2.36
N SER B 134 -26.50 -3.67 1.85
CA SER B 134 -25.95 -3.19 0.58
C SER B 134 -24.50 -2.76 0.78
N ASN B 135 -24.27 -2.02 1.86
CA ASN B 135 -22.96 -1.52 2.22
C ASN B 135 -21.85 -2.59 2.14
N ILE B 136 -22.14 -3.80 2.64
CA ILE B 136 -21.16 -4.87 2.63
C ILE B 136 -21.31 -5.81 1.43
N SER B 137 -22.51 -6.35 1.24
CA SER B 137 -22.71 -7.37 0.23
C SER B 137 -22.65 -6.84 -1.22
N LYS B 138 -22.89 -5.55 -1.41
CA LYS B 138 -22.87 -5.02 -2.77
C LYS B 138 -21.67 -4.10 -2.96
N ASP B 139 -20.71 -4.18 -2.05
CA ASP B 139 -19.48 -3.45 -2.24
C ASP B 139 -18.72 -4.06 -3.43
N ARG B 140 -18.29 -3.23 -4.37
CA ARG B 140 -17.64 -3.75 -5.58
C ARG B 140 -16.33 -4.51 -5.29
N ARG B 141 -15.75 -4.32 -4.10
CA ARG B 141 -14.49 -4.98 -3.76
C ARG B 141 -14.69 -6.50 -3.62
N TYR B 142 -15.93 -6.94 -3.45
CA TYR B 142 -16.20 -8.36 -3.33
C TYR B 142 -16.83 -8.93 -4.61
N ALA B 143 -16.85 -8.14 -5.68
CA ALA B 143 -17.51 -8.54 -6.92
C ALA B 143 -16.98 -9.86 -7.49
N ASP B 144 -15.70 -10.14 -7.31
CA ASP B 144 -15.13 -11.37 -7.85
C ASP B 144 -15.33 -12.56 -6.91
N LEU B 145 -16.13 -12.39 -5.87
CA LEU B 145 -16.40 -13.52 -5.01
C LEU B 145 -17.63 -14.31 -5.50
N THR B 146 -17.52 -15.64 -5.44
CA THR B 146 -18.61 -16.54 -5.77
C THR B 146 -19.73 -16.46 -4.73
N GLU B 147 -20.87 -17.07 -5.05
CA GLU B 147 -22.00 -17.17 -4.13
C GLU B 147 -21.62 -17.68 -2.76
N ASP B 148 -20.93 -18.82 -2.74
CA ASP B 148 -20.64 -19.54 -1.51
C ASP B 148 -19.60 -18.84 -0.69
N GLN B 149 -18.75 -18.09 -1.39
CA GLN B 149 -17.62 -17.44 -0.76
C GLN B 149 -18.06 -16.21 0.03
N LEU B 150 -19.11 -15.54 -0.44
CA LEU B 150 -19.56 -14.29 0.17
C LEU B 150 -20.47 -14.56 1.36
N PRO B 151 -19.95 -14.35 2.58
CA PRO B 151 -20.68 -14.71 3.80
C PRO B 151 -21.94 -13.91 4.05
N SER B 152 -22.95 -14.57 4.60
CA SER B 152 -24.07 -13.84 5.17
C SER B 152 -23.80 -13.75 6.68
N CYS B 153 -22.86 -14.58 7.17
CA CYS B 153 -22.47 -14.65 8.59
C CYS B 153 -21.42 -15.74 8.76
N GLU B 154 -20.57 -15.63 9.78
CA GLU B 154 -19.48 -16.59 9.99
C GLU B 154 -19.32 -17.00 11.45
N SER B 155 -19.13 -18.30 11.68
CA SER B 155 -18.56 -18.74 12.95
C SER B 155 -17.04 -18.53 12.87
N LEU B 156 -16.35 -18.63 14.00
CA LEU B 156 -14.90 -18.54 13.97
C LEU B 156 -14.35 -19.66 13.09
N LYS B 157 -14.97 -20.83 13.17
CA LYS B 157 -14.57 -21.95 12.34
C LYS B 157 -14.61 -21.59 10.85
N ASP B 158 -15.70 -20.94 10.43
CA ASP B 158 -15.87 -20.48 9.06
C ASP B 158 -14.75 -19.54 8.62
N THR B 159 -14.56 -18.51 9.44
CA THR B 159 -13.58 -17.46 9.21
C THR B 159 -12.21 -18.06 9.00
N ILE B 160 -11.83 -18.90 9.95
CA ILE B 160 -10.58 -19.63 9.91
C ILE B 160 -10.50 -20.49 8.64
N ALA B 161 -11.61 -21.11 8.28
CA ALA B 161 -11.66 -21.99 7.13
C ALA B 161 -11.38 -21.24 5.82
N ARG B 162 -11.76 -19.97 5.73
CA ARG B 162 -11.47 -19.25 4.47
C ARG B 162 -10.17 -18.46 4.57
N ALA B 163 -9.63 -18.34 5.78
CA ALA B 163 -8.36 -17.64 5.90
C ALA B 163 -7.19 -18.56 5.62
N LEU B 164 -7.27 -19.80 6.11
CA LEU B 164 -6.14 -20.71 5.98
C LEU B 164 -5.70 -21.06 4.55
N PRO B 165 -6.63 -21.17 3.58
CA PRO B 165 -6.14 -21.39 2.21
C PRO B 165 -5.26 -20.27 1.70
N PHE B 166 -5.44 -19.06 2.20
CA PHE B 166 -4.57 -17.98 1.77
C PHE B 166 -3.22 -18.13 2.42
N TRP B 167 -3.26 -18.52 3.70
CA TRP B 167 -2.05 -18.76 4.44
C TRP B 167 -1.19 -19.83 3.78
N ASN B 168 -1.85 -20.90 3.34
CA ASN B 168 -1.16 -22.04 2.76
C ASN B 168 -0.63 -21.74 1.36
N GLU B 169 -1.38 -20.99 0.57
CA GLU B 169 -1.07 -20.84 -0.84
C GLU B 169 -0.26 -19.58 -1.18
N GLU B 170 -0.32 -18.56 -0.33
CA GLU B 170 0.28 -17.28 -0.67
C GLU B 170 1.32 -16.81 0.32
N ILE B 171 1.17 -17.17 1.59
CA ILE B 171 2.08 -16.67 2.60
C ILE B 171 3.18 -17.68 2.95
N VAL B 172 2.78 -18.95 3.14
CA VAL B 172 3.74 -20.01 3.43
C VAL B 172 4.84 -20.13 2.34
N PRO B 173 4.46 -20.11 1.03
CA PRO B 173 5.52 -20.10 0.00
C PRO B 173 6.49 -18.95 0.13
N GLN B 174 6.00 -17.78 0.54
CA GLN B 174 6.87 -16.63 0.73
C GLN B 174 7.81 -16.87 1.88
N ILE B 175 7.32 -17.50 2.94
CA ILE B 175 8.13 -17.70 4.11
C ILE B 175 9.24 -18.70 3.82
N LYS B 176 8.88 -19.79 3.14
CA LYS B 176 9.85 -20.83 2.77
C LYS B 176 10.91 -20.34 1.79
N GLU B 177 10.55 -19.32 1.00
CA GLU B 177 11.49 -18.66 0.09
C GLU B 177 12.43 -17.75 0.91
N GLY B 178 12.15 -17.61 2.20
CA GLY B 178 13.03 -16.87 3.10
C GLY B 178 12.72 -15.38 3.21
N LYS B 179 11.62 -14.95 2.59
CA LYS B 179 11.21 -13.54 2.63
C LYS B 179 10.51 -13.20 3.95
N ARG B 180 10.98 -12.14 4.60
CA ARG B 180 10.44 -11.74 5.90
C ARG B 180 9.05 -11.06 5.78
N VAL B 181 8.04 -11.74 6.31
CA VAL B 181 6.64 -11.40 6.13
C VAL B 181 6.07 -10.58 7.31
N LEU B 182 5.33 -9.53 6.98
CA LEU B 182 4.53 -8.76 7.93
C LEU B 182 3.05 -8.91 7.58
N ILE B 183 2.23 -9.31 8.56
CA ILE B 183 0.79 -9.45 8.32
C ILE B 183 0.01 -8.46 9.19
N ALA B 184 -0.73 -7.55 8.55
CA ALA B 184 -1.59 -6.63 9.32
C ALA B 184 -3.06 -6.98 9.08
N ALA B 185 -3.73 -7.47 10.12
CA ALA B 185 -5.06 -8.04 9.92
C ALA B 185 -5.95 -7.83 11.15
N HIS B 186 -6.83 -8.78 11.40
CA HIS B 186 -7.79 -8.69 12.50
C HIS B 186 -7.59 -9.84 13.46
N GLY B 187 -8.02 -9.65 14.71
CA GLY B 187 -7.90 -10.66 15.74
C GLY B 187 -8.41 -12.03 15.33
N ASN B 188 -9.58 -12.09 14.69
CA ASN B 188 -10.13 -13.39 14.34
C ASN B 188 -9.49 -14.05 13.13
N SER B 189 -9.05 -13.27 12.14
CA SER B 189 -8.36 -13.92 11.04
C SER B 189 -6.96 -14.34 11.52
N LEU B 190 -6.35 -13.53 12.40
CA LEU B 190 -5.03 -13.88 12.94
C LEU B 190 -5.10 -15.12 13.83
N ARG B 191 -6.24 -15.30 14.47
CA ARG B 191 -6.45 -16.48 15.28
C ARG B 191 -6.27 -17.77 14.50
N GLY B 192 -6.76 -17.78 13.26
CA GLY B 192 -6.56 -18.94 12.39
C GLY B 192 -5.07 -19.26 12.28
N ILE B 193 -4.28 -18.23 12.02
CA ILE B 193 -2.84 -18.39 11.84
C ILE B 193 -2.17 -18.87 13.13
N VAL B 194 -2.52 -18.25 14.26
CA VAL B 194 -1.97 -18.67 15.53
C VAL B 194 -2.29 -20.12 15.87
N LYS B 195 -3.55 -20.49 15.69
CA LYS B 195 -4.03 -21.83 16.01
C LYS B 195 -3.31 -22.86 15.14
N HIS B 196 -3.11 -22.52 13.87
CA HIS B 196 -2.40 -23.42 12.99
C HIS B 196 -0.93 -23.55 13.36
N LEU B 197 -0.30 -22.45 13.74
CA LEU B 197 1.12 -22.49 14.07
C LEU B 197 1.41 -23.23 15.37
N GLU B 198 0.60 -22.96 16.39
CA GLU B 198 0.84 -23.47 17.73
C GLU B 198 0.05 -24.76 17.99
N GLY B 199 -0.69 -25.21 16.98
CA GLY B 199 -1.53 -26.39 17.13
C GLY B 199 -2.46 -26.30 18.33
N LEU B 200 -3.12 -25.15 18.50
CA LEU B 200 -4.00 -24.98 19.63
C LEU B 200 -5.33 -25.65 19.39
N SER B 201 -6.09 -25.80 20.47
CA SER B 201 -7.42 -26.39 20.42
C SER B 201 -8.48 -25.31 20.15
N GLU B 202 -9.66 -25.77 19.73
CA GLU B 202 -10.78 -24.87 19.52
C GLU B 202 -11.01 -24.06 20.79
N GLU B 203 -10.98 -24.72 21.92
CA GLU B 203 -11.20 -24.07 23.20
C GLU B 203 -10.10 -23.08 23.52
N ALA B 204 -8.85 -23.47 23.29
CA ALA B 204 -7.71 -22.63 23.61
C ALA B 204 -7.63 -21.37 22.78
N ILE B 205 -7.96 -21.48 21.50
CA ILE B 205 -7.81 -20.36 20.60
C ILE B 205 -8.85 -19.28 20.93
N MET B 206 -9.94 -19.69 21.58
CA MET B 206 -10.98 -18.76 21.96
C MET B 206 -10.69 -17.88 23.19
N GLU B 207 -9.79 -18.27 24.08
CA GLU B 207 -9.45 -17.37 25.18
C GLU B 207 -8.17 -16.63 24.81
N LEU B 208 -7.64 -16.93 23.63
CA LEU B 208 -6.53 -16.14 23.12
C LEU B 208 -7.08 -14.81 22.64
N ASN B 209 -6.69 -13.76 23.34
CA ASN B 209 -7.09 -12.44 22.90
C ASN B 209 -5.87 -11.66 22.39
N LEU B 210 -5.92 -11.23 21.14
CA LEU B 210 -4.81 -10.46 20.60
C LEU B 210 -5.06 -8.97 20.76
N PRO B 211 -4.12 -8.25 21.37
CA PRO B 211 -4.24 -6.81 21.58
C PRO B 211 -4.15 -6.04 20.27
N THR B 212 -4.79 -4.89 20.22
CA THR B 212 -4.81 -4.10 19.00
C THR B 212 -3.53 -3.30 18.89
N GLY B 213 -3.02 -3.19 17.68
CA GLY B 213 -1.84 -2.37 17.42
C GLY B 213 -0.52 -2.81 18.06
N ILE B 214 -0.39 -4.10 18.38
CA ILE B 214 0.85 -4.54 19.01
C ILE B 214 1.51 -5.61 18.18
N PRO B 215 2.78 -5.37 17.83
CA PRO B 215 3.49 -6.38 17.04
C PRO B 215 3.69 -7.68 17.82
N ILE B 216 3.44 -8.78 17.13
CA ILE B 216 3.60 -10.12 17.67
C ILE B 216 4.66 -10.87 16.83
N VAL B 217 5.73 -11.32 17.48
CA VAL B 217 6.84 -11.95 16.76
C VAL B 217 6.87 -13.45 16.97
N TYR B 218 6.89 -14.18 15.87
CA TYR B 218 7.10 -15.62 15.89
C TYR B 218 8.45 -15.98 15.31
N GLU B 219 9.09 -16.96 15.96
CA GLU B 219 10.27 -17.59 15.42
C GLU B 219 9.94 -19.00 15.01
N LEU B 220 10.07 -19.27 13.72
CA LEU B 220 9.65 -20.55 13.18
C LEU B 220 10.85 -21.35 12.69
N ASP B 221 10.70 -22.67 12.65
CA ASP B 221 11.70 -23.55 12.09
C ASP B 221 11.31 -23.99 10.67
N LYS B 222 12.09 -24.92 10.11
CA LYS B 222 11.90 -25.38 8.73
C LYS B 222 10.54 -26.01 8.46
N ASN B 223 9.83 -26.40 9.52
CA ASN B 223 8.45 -26.88 9.39
C ASN B 223 7.44 -25.84 9.86
N LEU B 224 7.94 -24.62 10.08
CA LEU B 224 7.13 -23.46 10.46
C LEU B 224 6.41 -23.69 11.79
N LYS B 225 7.03 -24.45 12.68
CA LYS B 225 6.53 -24.56 14.03
C LYS B 225 7.32 -23.59 14.87
N PRO B 226 6.65 -22.92 15.80
CA PRO B 226 7.33 -21.95 16.66
C PRO B 226 8.44 -22.62 17.47
N ILE B 227 9.58 -21.95 17.60
CA ILE B 227 10.63 -22.48 18.45
C ILE B 227 10.36 -22.03 19.88
N LYS B 228 9.68 -20.89 20.03
CA LYS B 228 9.34 -20.36 21.35
C LYS B 228 7.96 -19.67 21.30
N PRO B 229 7.37 -19.38 22.47
CA PRO B 229 6.07 -18.69 22.45
C PRO B 229 6.15 -17.28 21.86
N MET B 230 5.00 -16.78 21.42
CA MET B 230 4.90 -15.44 20.84
C MET B 230 5.38 -14.37 21.82
N GLN B 231 6.11 -13.40 21.28
CA GLN B 231 6.58 -12.26 22.05
C GLN B 231 5.85 -10.99 21.59
N PHE B 232 5.37 -10.20 22.54
CA PHE B 232 4.83 -8.88 22.21
C PHE B 232 5.94 -7.86 22.13
N LEU B 233 5.80 -6.91 21.23
CA LEU B 233 6.78 -5.83 21.05
C LEU B 233 6.30 -4.45 21.43
N GLY B 234 7.12 -3.73 22.18
CA GLY B 234 6.89 -2.34 22.50
C GLY B 234 7.52 -1.98 23.83
N ASP B 235 7.22 -0.79 24.35
CA ASP B 235 7.83 -0.33 25.60
C ASP B 235 7.36 -1.22 26.75
N GLU B 236 7.97 -1.03 27.91
CA GLU B 236 7.62 -1.83 29.08
C GLU B 236 6.19 -1.57 29.52
N GLU B 237 5.79 -0.30 29.50
CA GLU B 237 4.43 0.10 29.80
C GLU B 237 3.42 -0.67 28.96
N THR B 238 3.68 -0.74 27.65
CA THR B 238 2.79 -1.39 26.71
C THR B 238 2.72 -2.89 26.94
N VAL B 239 3.88 -3.54 26.96
CA VAL B 239 3.92 -5.00 27.09
C VAL B 239 3.38 -5.44 28.46
N ARG B 240 3.42 -4.53 29.43
CA ARG B 240 2.97 -4.81 30.79
C ARG B 240 1.54 -5.36 30.81
N LYS B 241 0.65 -4.68 30.09
CA LYS B 241 -0.73 -5.14 29.96
C LYS B 241 -0.84 -6.56 29.38
#